data_1CBX
#
_entry.id   1CBX
#
_cell.length_a   51.600
_cell.length_b   60.270
_cell.length_c   47.250
_cell.angle_alpha   90.00
_cell.angle_beta   97.27
_cell.angle_gamma   90.00
#
_symmetry.space_group_name_H-M   'P 1 21 1'
#
loop_
_entity.id
_entity.type
_entity.pdbx_description
1 polymer 'CARBOXYPEPTIDASE A'
2 non-polymer 'ZINC ION'
3 non-polymer 'L-BENZYLSUCCINIC ACID'
4 water water
#
_entity_poly.entity_id   1
_entity_poly.type   'polypeptide(L)'
_entity_poly.pdbx_seq_one_letter_code
;ARSTNTFNYATYHTLDEIYDFMDLLVAEHPQLVSKLQIGRSYEGRPIYVLKFSTGGSNRPAIWIDLGIHSREWITQATGV
WFAKKFTENYGQNPSFTAILDSMDIFLEIVTNPNGFAFTHSENRLWRKTRSVTSSSLCVGVDANRNWDAGFGKAGASSSP
CSETYHGKYANSEVEVKSIVDFVKNHGNFKAFLSIHSYSQLLLYPYGYTTQSIPDKTELNQVAKSAVAALKSLYGTSYKY
GSIITTIYQASGGSIDWSYNQGIKYSFTFELRDTGRYGFLLPASQIIPTAQETWLGVLTIMEHTVNN
;
_entity_poly.pdbx_strand_id   A
#
loop_
_chem_comp.id
_chem_comp.type
_chem_comp.name
_chem_comp.formula
BZS non-polymer 'L-BENZYLSUCCINIC ACID' 'C11 H12 O4'
ZN non-polymer 'ZINC ION' 'Zn 2'
#
# COMPACT_ATOMS: atom_id res chain seq x y z
N ALA A 1 -12.50 -19.92 -1.51
CA ALA A 1 -13.39 -20.17 -0.45
C ALA A 1 -12.94 -21.28 0.44
N ARG A 2 -12.61 -22.45 -0.21
CA ARG A 2 -12.11 -23.66 0.53
C ARG A 2 -10.57 -23.76 0.55
N SER A 3 -9.98 -23.23 -0.52
CA SER A 3 -8.55 -23.17 -0.56
C SER A 3 -8.20 -21.89 -1.33
N THR A 4 -6.94 -21.41 -1.23
CA THR A 4 -6.54 -20.19 -1.93
C THR A 4 -6.66 -20.49 -3.42
N ASN A 5 -6.67 -21.82 -3.82
CA ASN A 5 -6.72 -22.25 -5.23
C ASN A 5 -8.06 -22.17 -5.82
N THR A 6 -9.01 -21.90 -4.97
CA THR A 6 -10.46 -21.88 -5.26
C THR A 6 -11.03 -20.47 -5.12
N PHE A 7 -10.19 -19.65 -4.38
CA PHE A 7 -10.56 -18.24 -4.25
C PHE A 7 -10.61 -17.56 -5.65
N ASN A 8 -11.64 -16.78 -5.89
CA ASN A 8 -11.88 -16.00 -7.05
C ASN A 8 -11.25 -14.64 -7.05
N TYR A 9 -10.18 -14.61 -7.75
CA TYR A 9 -9.35 -13.46 -7.79
C TYR A 9 -9.85 -12.40 -8.68
N ALA A 10 -10.90 -12.77 -9.41
CA ALA A 10 -11.39 -11.86 -10.46
C ALA A 10 -12.69 -11.23 -10.10
N THR A 11 -12.89 -11.17 -8.81
CA THR A 11 -13.96 -10.38 -8.26
C THR A 11 -13.51 -9.58 -7.01
N TYR A 12 -14.39 -8.60 -6.64
CA TYR A 12 -14.12 -7.83 -5.40
C TYR A 12 -14.77 -8.51 -4.18
N HIS A 13 -14.10 -8.55 -3.04
CA HIS A 13 -14.48 -9.33 -1.91
C HIS A 13 -14.87 -8.34 -0.79
N THR A 14 -15.47 -8.89 0.25
CA THR A 14 -15.68 -8.15 1.46
C THR A 14 -14.52 -8.41 2.42
N LEU A 15 -14.65 -7.67 3.60
CA LEU A 15 -13.62 -7.77 4.65
C LEU A 15 -13.31 -9.23 5.15
N ASP A 16 -14.40 -9.97 5.53
CA ASP A 16 -14.37 -11.31 6.10
C ASP A 16 -13.85 -12.32 5.08
N GLU A 17 -14.23 -12.13 3.78
CA GLU A 17 -13.58 -12.88 2.75
C GLU A 17 -12.10 -12.73 2.59
N ILE A 18 -11.70 -11.46 2.65
CA ILE A 18 -10.28 -11.20 2.64
C ILE A 18 -9.54 -11.81 3.84
N TYR A 19 -10.13 -11.57 5.02
CA TYR A 19 -9.46 -12.07 6.27
C TYR A 19 -9.32 -13.63 6.25
N ASP A 20 -10.38 -14.29 5.83
CA ASP A 20 -10.48 -15.74 5.78
C ASP A 20 -9.49 -16.33 4.79
N PHE A 21 -9.30 -15.58 3.69
CA PHE A 21 -8.24 -15.87 2.70
C PHE A 21 -6.91 -15.92 3.40
N MET A 22 -6.60 -14.91 4.26
CA MET A 22 -5.29 -14.79 4.91
C MET A 22 -5.01 -16.02 5.65
N ASP A 23 -6.04 -16.47 6.33
CA ASP A 23 -5.90 -17.68 7.13
C ASP A 23 -5.74 -18.94 6.34
N LEU A 24 -6.44 -18.99 5.20
CA LEU A 24 -6.13 -20.09 4.25
C LEU A 24 -4.66 -20.20 3.82
N LEU A 25 -4.17 -19.16 3.23
CA LEU A 25 -2.84 -19.06 2.72
C LEU A 25 -1.80 -19.49 3.78
N VAL A 26 -2.01 -19.08 5.07
CA VAL A 26 -1.09 -19.31 6.19
C VAL A 26 -1.12 -20.80 6.45
N ALA A 27 -2.35 -21.24 6.37
CA ALA A 27 -2.51 -22.66 6.47
C ALA A 27 -1.82 -23.54 5.41
N GLU A 28 -1.90 -23.12 4.17
CA GLU A 28 -1.21 -23.73 2.99
C GLU A 28 0.23 -23.49 2.81
N HIS A 29 0.78 -22.42 3.43
CA HIS A 29 2.20 -22.24 3.42
C HIS A 29 2.87 -21.75 4.75
N PRO A 30 2.63 -22.53 5.71
CA PRO A 30 3.14 -22.21 7.04
C PRO A 30 4.66 -21.90 7.22
N GLN A 31 5.43 -22.33 6.27
CA GLN A 31 6.82 -22.09 6.34
C GLN A 31 7.27 -20.84 5.67
N LEU A 32 6.30 -20.31 4.90
CA LEU A 32 6.51 -19.11 4.13
C LEU A 32 5.84 -17.81 4.59
N VAL A 33 4.59 -18.08 5.16
CA VAL A 33 3.83 -16.91 5.52
C VAL A 33 3.14 -16.92 6.84
N SER A 34 3.30 -15.77 7.53
CA SER A 34 2.79 -15.65 8.90
C SER A 34 1.80 -14.55 8.84
N LYS A 35 0.84 -14.67 9.68
CA LYS A 35 -0.03 -13.59 9.94
C LYS A 35 0.26 -12.72 11.21
N LEU A 36 0.55 -11.37 11.14
CA LEU A 36 0.71 -10.58 12.28
C LEU A 36 -0.43 -9.62 12.39
N GLN A 37 -0.89 -9.43 13.62
CA GLN A 37 -1.73 -8.32 14.14
C GLN A 37 -1.03 -7.15 14.83
N ILE A 38 -0.92 -6.07 14.10
CA ILE A 38 -0.05 -4.92 14.50
C ILE A 38 -0.92 -3.84 15.28
N GLY A 39 -2.24 -4.14 15.33
CA GLY A 39 -3.15 -3.27 15.97
C GLY A 39 -4.58 -3.60 15.79
N ARG A 40 -5.43 -2.73 16.23
CA ARG A 40 -6.83 -2.78 15.99
C ARG A 40 -7.32 -1.44 15.58
N SER A 41 -8.33 -1.46 14.70
CA SER A 41 -8.81 -0.23 14.03
C SER A 41 -9.72 0.47 15.01
N TYR A 42 -10.12 1.65 14.60
CA TYR A 42 -10.90 2.58 15.41
C TYR A 42 -12.15 1.88 16.04
N GLU A 43 -12.82 1.09 15.20
CA GLU A 43 -13.98 0.30 15.59
C GLU A 43 -13.68 -1.13 16.01
N GLY A 44 -12.47 -1.44 16.28
CA GLY A 44 -11.88 -2.58 16.97
C GLY A 44 -11.61 -3.77 16.08
N ARG A 45 -11.57 -3.56 14.72
CA ARG A 45 -11.21 -4.65 13.88
C ARG A 45 -9.73 -4.88 13.83
N PRO A 46 -9.26 -6.13 13.73
CA PRO A 46 -7.85 -6.43 13.85
C PRO A 46 -7.17 -5.88 12.63
N ILE A 47 -5.91 -5.51 12.66
CA ILE A 47 -5.24 -5.04 11.54
C ILE A 47 -4.17 -6.11 11.42
N TYR A 48 -4.05 -6.54 10.15
CA TYR A 48 -3.16 -7.64 9.74
C TYR A 48 -2.18 -7.35 8.74
N VAL A 49 -0.99 -7.91 8.93
CA VAL A 49 0.10 -7.80 8.03
C VAL A 49 0.47 -9.23 7.76
N LEU A 50 0.70 -9.61 6.52
CA LEU A 50 1.30 -10.90 6.19
C LEU A 50 2.82 -10.72 6.02
N LYS A 51 3.53 -11.64 6.63
CA LYS A 51 4.97 -11.65 6.52
C LYS A 51 5.28 -12.93 5.75
N PHE A 52 5.97 -12.73 4.68
CA PHE A 52 6.55 -13.71 3.87
C PHE A 52 8.11 -13.63 4.18
N SER A 53 8.58 -14.85 4.60
CA SER A 53 10.01 -15.06 4.99
C SER A 53 10.47 -16.51 4.84
N THR A 54 11.70 -16.68 4.46
CA THR A 54 12.30 -18.01 4.27
C THR A 54 13.20 -18.33 5.51
N GLY A 55 13.26 -17.45 6.50
CA GLY A 55 14.06 -17.49 7.76
C GLY A 55 14.82 -16.23 8.13
N GLY A 56 15.91 -16.52 8.89
CA GLY A 56 16.87 -15.46 9.18
C GLY A 56 16.40 -14.56 10.34
N SER A 57 17.28 -13.61 10.66
CA SER A 57 17.28 -12.82 11.87
C SER A 57 16.29 -11.72 11.78
N ASN A 58 16.82 -10.62 11.33
CA ASN A 58 15.88 -9.47 11.14
C ASN A 58 16.34 -8.92 9.80
N ARG A 59 15.96 -9.70 8.81
CA ARG A 59 16.48 -9.48 7.49
C ARG A 59 15.94 -8.18 7.08
N PRO A 60 16.65 -7.58 6.11
CA PRO A 60 16.11 -6.36 5.49
C PRO A 60 14.73 -6.70 4.89
N ALA A 61 13.80 -5.78 4.98
CA ALA A 61 12.51 -6.14 4.53
C ALA A 61 11.89 -5.06 3.64
N ILE A 62 10.81 -5.41 3.02
CA ILE A 62 10.05 -4.70 2.06
C ILE A 62 8.71 -4.57 2.75
N TRP A 63 8.25 -3.32 2.82
CA TRP A 63 6.92 -3.02 3.29
C TRP A 63 6.03 -2.78 2.00
N ILE A 64 4.80 -3.38 1.99
CA ILE A 64 3.71 -2.98 1.07
C ILE A 64 2.40 -2.72 1.73
N ASP A 65 1.79 -1.60 1.51
CA ASP A 65 0.52 -1.40 2.04
C ASP A 65 -0.47 -1.12 0.90
N LEU A 66 -1.75 -1.59 1.06
CA LEU A 66 -2.91 -1.44 0.13
C LEU A 66 -4.12 -1.00 0.86
N GLY A 67 -4.89 -0.29 0.25
CA GLY A 67 -6.18 0.05 0.81
C GLY A 67 -6.29 1.09 1.98
N ILE A 68 -5.24 1.96 2.07
CA ILE A 68 -5.29 3.09 2.97
C ILE A 68 -6.54 3.99 2.77
N HIS A 69 -6.83 4.24 1.45
CA HIS A 69 -8.05 4.96 1.02
C HIS A 69 -9.11 3.94 0.57
N SER A 70 -10.16 3.63 1.42
CA SER A 70 -10.99 2.46 1.39
C SER A 70 -11.70 2.29 0.02
N ARG A 71 -12.01 3.40 -0.69
CA ARG A 71 -12.75 3.23 -1.83
C ARG A 71 -11.97 2.76 -3.07
N GLU A 72 -10.70 2.74 -2.93
CA GLU A 72 -9.81 2.28 -3.98
C GLU A 72 -9.69 0.75 -4.09
N TRP A 73 -10.83 0.13 -4.33
CA TRP A 73 -11.01 -1.27 -4.21
C TRP A 73 -10.01 -2.11 -5.03
N ILE A 74 -9.51 -1.53 -6.18
CA ILE A 74 -8.54 -2.29 -6.96
C ILE A 74 -7.23 -2.64 -6.29
N THR A 75 -6.92 -1.90 -5.26
CA THR A 75 -5.73 -2.08 -4.45
C THR A 75 -5.83 -3.33 -3.49
N GLN A 76 -6.97 -3.41 -2.82
CA GLN A 76 -7.10 -4.54 -1.90
C GLN A 76 -7.11 -5.93 -2.71
N ALA A 77 -7.72 -5.77 -3.89
CA ALA A 77 -7.81 -6.84 -4.88
C ALA A 77 -6.45 -7.30 -5.40
N THR A 78 -5.61 -6.28 -5.76
CA THR A 78 -4.22 -6.59 -6.07
C THR A 78 -3.42 -7.21 -4.95
N GLY A 79 -3.80 -6.83 -3.71
CA GLY A 79 -3.10 -7.20 -2.55
C GLY A 79 -3.35 -8.66 -2.38
N VAL A 80 -4.58 -9.06 -2.50
CA VAL A 80 -4.84 -10.48 -2.37
C VAL A 80 -4.08 -11.28 -3.34
N TRP A 81 -4.03 -10.78 -4.54
CA TRP A 81 -3.33 -11.42 -5.61
C TRP A 81 -1.85 -11.57 -5.42
N PHE A 82 -1.31 -10.47 -4.83
CA PHE A 82 0.12 -10.49 -4.58
C PHE A 82 0.43 -11.64 -3.63
N ALA A 83 -0.36 -11.67 -2.58
CA ALA A 83 -0.15 -12.66 -1.52
C ALA A 83 0.03 -14.09 -2.12
N LYS A 84 -0.95 -14.41 -2.92
CA LYS A 84 -0.91 -15.73 -3.59
C LYS A 84 0.32 -15.85 -4.52
N LYS A 85 0.65 -14.76 -5.21
CA LYS A 85 1.65 -14.86 -6.19
C LYS A 85 2.93 -15.07 -5.49
N PHE A 86 3.09 -14.64 -4.28
CA PHE A 86 4.44 -14.69 -3.67
C PHE A 86 4.58 -16.16 -3.39
N THR A 87 3.39 -16.73 -3.12
CA THR A 87 3.48 -18.09 -2.67
C THR A 87 3.73 -19.07 -3.83
N GLU A 88 3.14 -18.59 -4.96
CA GLU A 88 3.35 -19.26 -6.26
C GLU A 88 4.72 -19.17 -6.93
N ASN A 89 5.36 -17.98 -6.95
CA ASN A 89 6.60 -17.74 -7.55
C ASN A 89 7.81 -18.16 -6.80
N TYR A 90 7.65 -18.44 -5.50
CA TYR A 90 8.87 -18.82 -4.80
C TYR A 90 9.35 -20.23 -5.22
N GLY A 91 10.60 -20.36 -5.58
CA GLY A 91 11.22 -21.55 -6.23
C GLY A 91 10.90 -21.77 -7.75
N GLN A 92 10.03 -20.97 -8.33
CA GLN A 92 9.71 -21.06 -9.75
C GLN A 92 10.42 -19.94 -10.46
N ASN A 93 10.30 -18.66 -9.93
CA ASN A 93 10.90 -17.49 -10.58
C ASN A 93 12.24 -17.19 -9.96
N PRO A 94 13.29 -17.35 -10.64
CA PRO A 94 14.60 -17.15 -10.07
C PRO A 94 14.77 -15.83 -9.42
N SER A 95 14.14 -14.79 -9.99
CA SER A 95 14.32 -13.48 -9.42
C SER A 95 13.66 -13.27 -8.04
N PHE A 96 12.36 -13.65 -8.06
CA PHE A 96 11.55 -13.53 -6.93
C PHE A 96 12.17 -14.40 -5.78
N THR A 97 12.59 -15.63 -6.13
CA THR A 97 13.31 -16.54 -5.21
C THR A 97 14.66 -16.06 -4.58
N ALA A 98 15.50 -15.32 -5.37
CA ALA A 98 16.67 -14.59 -4.87
C ALA A 98 16.31 -13.49 -3.78
N ILE A 99 15.15 -12.81 -4.08
CA ILE A 99 14.60 -11.82 -3.15
C ILE A 99 14.23 -12.39 -1.82
N LEU A 100 13.28 -13.35 -1.76
CA LEU A 100 12.87 -13.94 -0.52
C LEU A 100 13.90 -14.75 0.22
N ASP A 101 14.81 -15.27 -0.47
CA ASP A 101 15.95 -15.93 0.18
C ASP A 101 16.74 -14.91 1.01
N SER A 102 16.64 -13.60 0.76
CA SER A 102 17.52 -12.67 1.39
C SER A 102 16.73 -11.54 2.12
N MET A 103 15.42 -11.35 1.89
CA MET A 103 14.64 -10.32 2.49
C MET A 103 13.31 -10.91 2.78
N ASP A 104 12.64 -10.25 3.66
CA ASP A 104 11.26 -10.51 4.07
C ASP A 104 10.39 -9.55 3.42
N ILE A 105 9.10 -9.95 3.27
CA ILE A 105 8.11 -9.05 2.68
C ILE A 105 6.94 -8.89 3.65
N PHE A 106 6.60 -7.62 3.99
CA PHE A 106 5.48 -7.35 4.86
C PHE A 106 4.37 -6.69 4.05
N LEU A 107 3.24 -7.37 3.97
CA LEU A 107 2.10 -6.97 3.15
C LEU A 107 0.91 -6.72 3.98
N GLU A 108 0.49 -5.50 3.94
CA GLU A 108 -0.78 -5.09 4.56
C GLU A 108 -1.93 -4.86 3.52
N ILE A 109 -2.80 -5.80 3.41
CA ILE A 109 -3.86 -5.82 2.31
C ILE A 109 -4.93 -4.78 2.61
N VAL A 110 -5.40 -4.68 3.87
CA VAL A 110 -6.53 -3.78 4.05
C VAL A 110 -6.04 -2.81 5.20
N THR A 111 -5.44 -1.72 4.76
CA THR A 111 -4.83 -0.82 5.65
C THR A 111 -5.81 -0.16 6.54
N ASN A 112 -7.04 -0.11 5.96
CA ASN A 112 -8.11 0.74 6.51
C ASN A 112 -9.43 -0.04 6.51
N PRO A 113 -9.43 -1.05 7.41
CA PRO A 113 -10.53 -1.95 7.57
C PRO A 113 -11.87 -1.26 7.70
N ASN A 114 -11.94 -0.24 8.63
CA ASN A 114 -13.20 0.40 8.97
C ASN A 114 -13.78 1.11 7.77
N GLY A 115 -12.96 1.84 7.08
CA GLY A 115 -13.54 2.53 6.00
C GLY A 115 -13.83 1.50 4.91
N PHE A 116 -13.08 0.38 4.90
CA PHE A 116 -13.38 -0.71 3.89
C PHE A 116 -14.78 -1.30 4.08
N ALA A 117 -15.10 -1.56 5.37
CA ALA A 117 -16.38 -2.19 5.72
C ALA A 117 -17.53 -1.27 5.24
N PHE A 118 -17.23 -0.03 5.34
CA PHE A 118 -18.17 1.10 5.23
C PHE A 118 -18.50 1.38 3.76
N THR A 119 -17.44 1.32 2.89
CA THR A 119 -17.63 1.24 1.44
C THR A 119 -18.56 0.06 1.08
N HIS A 120 -18.73 -1.13 1.83
CA HIS A 120 -19.51 -2.21 1.34
C HIS A 120 -20.88 -1.83 1.94
N SER A 121 -20.87 -1.22 3.14
CA SER A 121 -22.00 -1.16 4.00
C SER A 121 -22.93 -0.10 3.56
N GLU A 122 -22.32 1.06 3.54
CA GLU A 122 -23.10 2.28 3.42
C GLU A 122 -22.69 3.28 2.28
N ASN A 123 -21.41 3.61 2.14
CA ASN A 123 -21.09 4.51 1.00
C ASN A 123 -19.73 4.21 0.23
N ARG A 124 -19.90 3.83 -1.02
CA ARG A 124 -18.96 2.97 -1.76
C ARG A 124 -17.70 3.80 -1.98
N LEU A 125 -18.02 5.07 -1.82
CA LEU A 125 -17.01 6.01 -2.19
C LEU A 125 -16.26 6.69 -1.00
N TRP A 126 -16.45 6.13 0.16
CA TRP A 126 -15.81 6.60 1.38
C TRP A 126 -14.31 6.30 1.16
N ARG A 127 -13.48 7.19 1.58
CA ARG A 127 -12.03 7.42 1.47
C ARG A 127 -11.39 7.36 2.87
N LYS A 128 -11.88 8.08 3.90
CA LYS A 128 -11.23 8.25 5.17
C LYS A 128 -11.37 7.14 6.13
N THR A 129 -10.78 7.34 7.35
CA THR A 129 -10.95 6.34 8.41
C THR A 129 -12.31 6.59 8.93
N ARG A 130 -12.64 5.90 10.01
CA ARG A 130 -14.01 6.18 10.59
C ARG A 130 -14.00 6.78 12.02
N SER A 131 -12.85 7.39 12.35
CA SER A 131 -12.69 8.04 13.60
C SER A 131 -13.76 9.11 13.83
N VAL A 132 -14.18 9.22 15.10
CA VAL A 132 -15.12 10.28 15.35
C VAL A 132 -14.37 11.19 16.27
N THR A 133 -15.15 12.20 16.69
CA THR A 133 -14.89 13.01 17.88
C THR A 133 -14.56 14.45 17.57
N SER A 134 -15.04 15.23 18.59
CA SER A 134 -14.67 16.61 18.73
C SER A 134 -15.92 17.49 18.52
N SER A 135 -15.61 18.57 17.84
CA SER A 135 -16.59 19.57 17.57
C SER A 135 -17.06 19.40 16.17
N SER A 136 -17.38 18.13 15.84
CA SER A 136 -17.76 17.78 14.45
C SER A 136 -18.64 16.56 14.37
N LEU A 137 -19.53 16.73 13.43
CA LEU A 137 -20.51 15.64 13.11
C LEU A 137 -20.01 14.80 11.97
N CYS A 138 -18.83 15.24 11.45
CA CYS A 138 -18.16 14.61 10.34
C CYS A 138 -17.20 13.58 10.89
N VAL A 139 -17.17 12.38 10.23
CA VAL A 139 -16.36 11.29 10.72
C VAL A 139 -15.20 11.04 9.82
N GLY A 140 -14.02 10.76 10.41
CA GLY A 140 -12.98 10.23 9.60
C GLY A 140 -11.82 11.19 9.28
N VAL A 141 -10.64 10.65 9.11
CA VAL A 141 -9.41 11.36 8.78
C VAL A 141 -8.92 10.66 7.47
N ASP A 142 -8.28 11.52 6.61
CA ASP A 142 -7.48 11.15 5.49
C ASP A 142 -6.16 10.53 6.03
N ALA A 143 -6.17 9.19 6.03
CA ALA A 143 -5.00 8.53 6.69
C ALA A 143 -3.61 8.84 5.98
N ASN A 144 -3.70 9.35 4.73
CA ASN A 144 -2.55 9.55 3.91
C ASN A 144 -2.22 11.05 3.92
N ARG A 145 -2.79 11.66 4.91
CA ARG A 145 -2.50 13.05 5.32
C ARG A 145 -2.11 13.10 6.83
N ASN A 146 -2.11 11.91 7.47
CA ASN A 146 -1.98 11.88 8.93
C ASN A 146 -0.55 11.61 9.46
N TRP A 147 0.39 11.47 8.49
CA TRP A 147 1.68 11.04 8.86
C TRP A 147 2.46 12.25 9.18
N ASP A 148 3.53 12.01 9.94
CA ASP A 148 4.38 13.10 10.45
C ASP A 148 5.48 13.46 9.44
N ALA A 149 5.09 13.99 8.27
CA ALA A 149 5.99 14.40 7.23
C ALA A 149 5.28 15.64 6.72
N GLY A 150 5.70 16.79 7.34
CA GLY A 150 5.18 18.12 7.00
C GLY A 150 3.70 18.21 7.35
N PHE A 151 3.46 17.55 8.54
CA PHE A 151 2.08 17.46 8.97
C PHE A 151 1.43 18.82 8.99
N GLY A 152 0.20 18.97 8.48
CA GLY A 152 -0.54 20.12 8.78
C GLY A 152 -0.19 21.28 7.88
N LYS A 153 0.87 21.03 7.05
CA LYS A 153 1.15 22.09 6.05
C LYS A 153 0.16 22.02 4.93
N ALA A 154 0.41 22.85 3.93
CA ALA A 154 -0.53 22.88 2.79
C ALA A 154 -0.46 21.56 2.02
N GLY A 155 -1.62 21.16 1.63
CA GLY A 155 -1.68 19.93 0.95
C GLY A 155 -2.49 18.99 1.87
N ALA A 156 -3.19 19.65 2.88
CA ALA A 156 -4.18 18.95 3.71
C ALA A 156 -5.13 19.84 4.43
N SER A 157 -6.35 19.39 4.63
CA SER A 157 -7.39 20.24 5.20
C SER A 157 -7.42 20.09 6.74
N SER A 158 -7.62 21.22 7.35
CA SER A 158 -7.86 21.21 8.77
C SER A 158 -9.33 21.15 9.14
N SER A 159 -10.26 21.05 8.13
CA SER A 159 -11.70 20.81 8.30
C SER A 159 -11.97 19.31 8.40
N PRO A 160 -12.67 18.96 9.54
CA PRO A 160 -12.93 17.57 9.86
C PRO A 160 -13.73 16.97 8.74
N CYS A 161 -14.63 17.82 8.10
CA CYS A 161 -15.62 17.50 7.09
C CYS A 161 -15.06 17.25 5.68
N SER A 162 -13.84 17.73 5.61
CA SER A 162 -12.98 17.50 4.47
C SER A 162 -12.48 16.09 4.14
N GLU A 163 -12.36 15.82 2.82
CA GLU A 163 -12.08 14.49 2.31
C GLU A 163 -10.61 14.34 2.53
N THR A 164 -9.96 15.45 2.70
CA THR A 164 -8.49 15.40 2.94
C THR A 164 -8.22 15.90 4.40
N TYR A 165 -9.17 15.67 5.28
CA TYR A 165 -8.79 16.08 6.67
C TYR A 165 -7.52 15.37 7.19
N HIS A 166 -6.66 16.09 7.86
CA HIS A 166 -5.41 15.53 8.33
C HIS A 166 -5.35 14.95 9.76
N GLY A 167 -6.38 15.24 10.40
CA GLY A 167 -6.71 14.78 11.71
C GLY A 167 -6.16 15.84 12.69
N LYS A 168 -6.30 15.48 13.96
CA LYS A 168 -5.90 16.35 15.11
C LYS A 168 -4.42 16.50 15.31
N TYR A 169 -3.69 15.37 15.19
CA TYR A 169 -2.18 15.45 15.18
C TYR A 169 -1.53 14.37 14.34
N ALA A 170 -0.27 14.50 14.02
CA ALA A 170 0.41 13.41 13.29
C ALA A 170 0.19 12.07 14.09
N ASN A 171 -0.25 11.02 13.40
CA ASN A 171 -0.34 9.71 14.02
C ASN A 171 -1.46 9.55 14.95
N SER A 172 -2.45 10.41 14.79
CA SER A 172 -3.62 10.32 15.66
C SER A 172 -4.47 9.05 15.34
N GLU A 173 -4.42 8.60 14.06
CA GLU A 173 -5.26 7.48 13.62
C GLU A 173 -4.53 6.18 13.93
N VAL A 174 -5.28 5.38 14.55
CA VAL A 174 -4.60 4.18 15.05
C VAL A 174 -4.11 3.25 13.87
N GLU A 175 -4.78 3.45 12.74
CA GLU A 175 -4.35 2.70 11.57
C GLU A 175 -2.96 3.07 11.06
N VAL A 176 -2.58 4.30 11.26
CA VAL A 176 -1.25 4.85 10.89
C VAL A 176 -0.23 4.54 11.96
N LYS A 177 -0.65 4.97 13.14
CA LYS A 177 0.21 4.79 14.36
C LYS A 177 0.85 3.39 14.50
N SER A 178 -0.05 2.42 14.24
CA SER A 178 0.26 1.02 14.19
C SER A 178 1.26 0.69 13.16
N ILE A 179 1.22 1.31 11.86
CA ILE A 179 2.33 0.99 11.00
C ILE A 179 3.63 1.69 11.55
N VAL A 180 3.42 2.97 11.94
CA VAL A 180 4.60 3.73 12.42
C VAL A 180 5.48 2.91 13.44
N ASP A 181 4.76 2.41 14.48
CA ASP A 181 5.38 1.71 15.62
C ASP A 181 6.02 0.41 15.16
N PHE A 182 5.25 -0.38 14.42
CA PHE A 182 5.84 -1.53 13.81
C PHE A 182 7.10 -1.37 12.88
N VAL A 183 7.05 -0.42 11.89
CA VAL A 183 8.25 -0.17 11.08
C VAL A 183 9.43 0.40 11.92
N LYS A 184 9.14 1.45 12.88
CA LYS A 184 10.18 2.00 13.75
C LYS A 184 10.80 0.83 14.61
N ASN A 185 9.85 -0.09 15.22
CA ASN A 185 10.38 -1.19 15.93
C ASN A 185 11.18 -2.23 15.11
N HIS A 186 10.79 -2.52 13.88
CA HIS A 186 11.54 -3.44 13.09
C HIS A 186 12.92 -2.88 12.80
N GLY A 187 13.06 -1.61 12.36
CA GLY A 187 14.32 -0.89 12.16
C GLY A 187 15.20 -1.36 10.96
N ASN A 188 14.67 -2.35 10.15
CA ASN A 188 15.39 -2.89 9.03
C ASN A 188 14.56 -2.97 7.78
N PHE A 189 13.64 -2.04 7.57
CA PHE A 189 13.01 -1.88 6.32
C PHE A 189 13.90 -1.07 5.33
N LYS A 190 13.98 -1.59 4.05
CA LYS A 190 14.73 -1.01 2.89
C LYS A 190 13.88 -0.36 1.80
N ALA A 191 12.61 -0.88 1.71
CA ALA A 191 11.65 -0.30 0.80
C ALA A 191 10.30 -0.19 1.44
N PHE A 192 9.52 0.77 0.96
CA PHE A 192 8.23 1.14 1.51
C PHE A 192 7.33 1.62 0.40
N LEU A 193 6.32 0.69 0.13
CA LEU A 193 5.50 1.00 -0.99
C LEU A 193 4.13 1.18 -0.52
N SER A 194 3.44 2.11 -1.01
CA SER A 194 2.02 2.28 -0.70
C SER A 194 1.21 2.38 -1.99
N ILE A 195 0.21 1.46 -2.07
CA ILE A 195 -0.58 1.29 -3.29
C ILE A 195 -1.89 2.02 -3.22
N HIS A 196 -2.16 2.92 -4.28
CA HIS A 196 -3.43 3.67 -4.36
C HIS A 196 -4.08 3.43 -5.71
N SER A 197 -5.19 4.03 -5.94
CA SER A 197 -5.61 4.27 -7.30
C SER A 197 -6.35 5.62 -7.26
N TYR A 198 -6.79 6.11 -8.42
CA TYR A 198 -6.36 5.72 -9.74
C TYR A 198 -5.54 6.94 -10.29
N SER A 199 -4.86 6.80 -11.33
CA SER A 199 -4.55 7.64 -12.38
C SER A 199 -3.19 7.24 -13.04
N GLN A 200 -2.69 6.04 -12.70
CA GLN A 200 -1.48 5.44 -13.32
C GLN A 200 -0.23 6.32 -13.19
N LEU A 201 0.30 6.40 -11.97
CA LEU A 201 1.47 7.18 -11.59
C LEU A 201 2.35 6.32 -10.70
N LEU A 202 3.59 6.53 -10.88
CA LEU A 202 4.54 6.01 -9.90
C LEU A 202 5.23 7.25 -9.31
N LEU A 203 5.24 7.36 -7.96
CA LEU A 203 5.55 8.61 -7.25
C LEU A 203 6.61 8.34 -6.19
N TYR A 204 7.62 9.16 -6.09
CA TYR A 204 8.61 9.31 -5.02
C TYR A 204 8.52 10.78 -4.35
N PRO A 205 9.19 10.82 -3.22
CA PRO A 205 9.07 11.96 -2.35
C PRO A 205 9.79 13.23 -2.94
N TYR A 206 9.27 14.43 -2.60
CA TYR A 206 8.32 14.68 -1.61
C TYR A 206 7.05 15.15 -2.15
N GLY A 207 6.12 15.13 -1.17
CA GLY A 207 4.84 15.83 -1.55
C GLY A 207 4.71 17.19 -0.89
N TYR A 208 5.29 17.22 0.36
CA TYR A 208 5.01 18.31 1.26
C TYR A 208 5.95 19.52 1.06
N THR A 209 7.11 19.27 0.45
CA THR A 209 8.13 20.21 0.15
C THR A 209 8.54 20.23 -1.34
N THR A 210 9.10 21.40 -1.86
CA THR A 210 9.57 21.55 -3.21
C THR A 210 10.94 21.05 -3.19
N GLN A 211 11.44 20.92 -1.98
CA GLN A 211 12.84 20.50 -1.93
C GLN A 211 12.99 19.02 -2.55
N SER A 212 14.05 18.77 -3.38
CA SER A 212 14.51 17.53 -4.00
C SER A 212 15.14 16.64 -2.93
N ILE A 213 14.76 15.35 -3.08
CA ILE A 213 15.44 14.35 -2.24
C ILE A 213 16.87 14.19 -2.81
N PRO A 214 17.82 13.86 -1.97
CA PRO A 214 19.24 13.63 -2.38
C PRO A 214 19.48 12.40 -3.25
N ASP A 215 18.45 11.58 -3.33
CA ASP A 215 18.49 10.35 -4.05
C ASP A 215 17.68 10.37 -5.35
N LYS A 216 17.36 11.57 -5.74
CA LYS A 216 16.52 11.85 -6.80
C LYS A 216 16.92 11.07 -8.06
N THR A 217 18.22 11.17 -8.45
CA THR A 217 18.66 10.47 -9.72
C THR A 217 18.37 8.91 -9.76
N GLU A 218 18.72 8.27 -8.61
CA GLU A 218 18.43 6.84 -8.43
C GLU A 218 16.96 6.46 -8.41
N LEU A 219 16.19 7.16 -7.55
CA LEU A 219 14.79 6.84 -7.46
C LEU A 219 14.04 7.14 -8.83
N ASN A 220 14.51 8.12 -9.59
CA ASN A 220 13.94 8.43 -10.80
C ASN A 220 14.26 7.34 -11.80
N GLN A 221 15.52 6.86 -11.76
CA GLN A 221 15.94 5.83 -12.65
C GLN A 221 15.26 4.47 -12.35
N VAL A 222 15.10 4.19 -11.04
CA VAL A 222 14.23 3.10 -10.58
C VAL A 222 12.77 3.15 -11.00
N ALA A 223 12.22 4.36 -10.86
CA ALA A 223 10.82 4.63 -11.26
C ALA A 223 10.70 4.31 -12.75
N LYS A 224 11.74 4.71 -13.50
CA LYS A 224 11.67 4.70 -14.93
C LYS A 224 11.61 3.22 -15.46
N SER A 225 12.52 2.42 -14.84
CA SER A 225 12.65 1.03 -15.02
C SER A 225 11.43 0.25 -14.66
N ALA A 226 10.80 0.63 -13.64
CA ALA A 226 9.58 0.05 -13.15
C ALA A 226 8.36 0.22 -14.02
N VAL A 227 8.28 1.49 -14.43
CA VAL A 227 7.25 1.88 -15.37
C VAL A 227 7.36 1.09 -16.78
N ALA A 228 8.61 0.86 -17.14
CA ALA A 228 8.91 0.25 -18.40
C ALA A 228 8.51 -1.17 -18.39
N ALA A 229 8.98 -1.82 -17.28
CA ALA A 229 8.42 -3.13 -16.85
C ALA A 229 6.90 -3.35 -16.85
N LEU A 230 6.18 -2.43 -16.17
CA LEU A 230 4.78 -2.58 -16.00
C LEU A 230 4.09 -2.59 -17.36
N LYS A 231 4.52 -1.60 -18.14
CA LYS A 231 3.94 -1.33 -19.47
C LYS A 231 4.05 -2.46 -20.48
N SER A 232 4.88 -3.39 -20.12
CA SER A 232 5.30 -4.45 -20.97
C SER A 232 4.23 -5.54 -21.19
N LEU A 233 3.31 -5.57 -20.29
CA LEU A 233 2.37 -6.59 -20.42
C LEU A 233 1.24 -6.24 -21.31
N TYR A 234 0.67 -5.12 -21.06
CA TYR A 234 -0.64 -4.76 -21.62
C TYR A 234 -0.52 -3.43 -22.22
N GLY A 235 0.68 -2.85 -22.05
CA GLY A 235 1.00 -1.45 -22.58
C GLY A 235 0.41 -0.26 -21.80
N THR A 236 0.09 -0.51 -20.51
CA THR A 236 -0.52 0.48 -19.61
C THR A 236 0.60 1.52 -19.34
N SER A 237 0.23 2.77 -19.53
CA SER A 237 1.19 3.85 -19.54
C SER A 237 1.09 4.61 -18.13
N TYR A 238 2.24 4.67 -17.51
CA TYR A 238 2.34 5.33 -16.23
C TYR A 238 3.32 6.51 -16.35
N LYS A 239 3.00 7.60 -15.64
CA LYS A 239 3.85 8.83 -15.51
C LYS A 239 4.54 8.57 -14.20
N TYR A 240 5.74 9.12 -14.07
CA TYR A 240 6.44 9.08 -12.83
C TYR A 240 7.12 10.39 -12.49
N GLY A 241 7.34 10.55 -11.16
CA GLY A 241 7.91 11.81 -10.68
C GLY A 241 7.71 11.91 -9.21
N SER A 242 8.11 13.02 -8.65
CA SER A 242 7.92 13.31 -7.16
C SER A 242 6.49 13.78 -6.97
N ILE A 243 6.05 13.54 -5.71
CA ILE A 243 4.65 13.81 -5.55
C ILE A 243 4.21 15.19 -6.04
N ILE A 244 4.86 16.12 -5.39
CA ILE A 244 4.43 17.51 -5.45
C ILE A 244 4.44 17.96 -6.98
N THR A 245 5.32 17.37 -7.73
CA THR A 245 5.64 17.74 -9.10
C THR A 245 4.72 17.09 -10.13
N THR A 246 4.24 15.90 -9.72
CA THR A 246 3.58 14.86 -10.51
C THR A 246 2.13 14.76 -10.37
N ILE A 247 1.77 14.95 -9.12
CA ILE A 247 0.38 15.02 -8.71
C ILE A 247 -0.06 16.29 -8.05
N TYR A 248 0.53 16.56 -6.92
CA TYR A 248 0.20 17.78 -6.17
C TYR A 248 0.97 17.74 -4.84
N GLN A 249 1.06 18.97 -4.14
CA GLN A 249 1.54 19.04 -2.83
C GLN A 249 0.55 18.37 -1.94
N ALA A 250 1.05 17.50 -1.12
CA ALA A 250 0.17 16.80 -0.22
C ALA A 250 1.11 16.69 0.96
N SER A 251 0.60 17.07 2.10
CA SER A 251 1.27 16.96 3.45
C SER A 251 0.73 15.77 4.33
N GLY A 252 1.71 15.27 5.13
CA GLY A 252 1.40 14.10 6.02
C GLY A 252 1.18 12.74 5.27
N GLY A 253 1.93 12.57 4.14
CA GLY A 253 1.81 11.43 3.32
C GLY A 253 2.81 10.46 3.78
N SER A 254 2.47 9.18 3.56
CA SER A 254 3.24 7.94 3.95
C SER A 254 4.78 7.94 3.60
N ILE A 255 4.94 8.20 2.27
CA ILE A 255 6.18 8.02 1.58
C ILE A 255 7.22 9.02 2.09
N ASP A 256 6.72 10.25 2.36
CA ASP A 256 7.55 11.39 2.89
C ASP A 256 8.09 10.97 4.26
N TRP A 257 7.19 10.36 5.06
CA TRP A 257 7.51 9.91 6.34
C TRP A 257 8.53 8.82 6.24
N SER A 258 8.22 7.75 5.39
CA SER A 258 9.10 6.62 5.30
C SER A 258 10.46 7.04 4.85
N TYR A 259 10.47 7.91 3.91
CA TYR A 259 11.70 8.30 3.35
C TYR A 259 12.55 9.06 4.34
N ASN A 260 11.84 9.89 5.14
CA ASN A 260 12.49 10.69 6.22
C ASN A 260 12.99 9.76 7.28
N GLN A 261 12.41 8.53 7.36
CA GLN A 261 13.00 7.55 8.29
C GLN A 261 14.28 6.82 7.79
N GLY A 262 14.81 7.21 6.63
CA GLY A 262 15.97 6.59 6.05
C GLY A 262 15.65 5.36 5.11
N ILE A 263 14.31 5.14 4.84
CA ILE A 263 13.91 4.12 3.89
C ILE A 263 13.90 4.70 2.45
N LYS A 264 15.03 4.47 1.83
CA LYS A 264 15.36 5.14 0.64
C LYS A 264 14.35 4.90 -0.48
N TYR A 265 13.99 3.66 -0.55
CA TYR A 265 13.12 3.12 -1.59
C TYR A 265 11.62 3.29 -1.23
N SER A 266 11.11 4.55 -1.22
CA SER A 266 9.78 4.80 -0.85
C SER A 266 9.05 5.20 -2.09
N PHE A 267 7.99 4.39 -2.45
CA PHE A 267 7.24 4.71 -3.68
C PHE A 267 5.80 4.63 -3.48
N THR A 268 4.96 5.43 -4.07
CA THR A 268 3.58 5.14 -4.05
C THR A 268 3.19 4.84 -5.44
N PHE A 269 2.29 3.87 -5.61
CA PHE A 269 1.67 3.62 -6.89
C PHE A 269 0.21 4.09 -6.90
N GLU A 270 -0.17 4.75 -8.05
CA GLU A 270 -1.55 5.07 -8.26
C GLU A 270 -1.96 4.10 -9.47
N LEU A 271 -2.82 3.08 -9.25
CA LEU A 271 -3.06 2.04 -10.27
C LEU A 271 -4.17 2.54 -11.27
N ARG A 272 -4.46 1.63 -12.21
CA ARG A 272 -5.55 2.01 -13.19
C ARG A 272 -6.90 2.52 -12.52
N ASP A 273 -7.68 3.18 -13.31
CA ASP A 273 -7.35 3.50 -14.74
C ASP A 273 -7.01 5.01 -14.74
N THR A 274 -7.43 5.70 -15.82
CA THR A 274 -7.22 7.16 -15.84
C THR A 274 -8.48 8.06 -15.70
N GLY A 275 -9.63 7.51 -15.38
CA GLY A 275 -10.77 8.38 -15.30
C GLY A 275 -12.02 7.73 -15.92
N ARG A 276 -11.85 6.73 -16.89
CA ARG A 276 -12.96 6.03 -17.48
C ARG A 276 -13.88 5.42 -16.45
N TYR A 277 -13.25 4.56 -15.57
CA TYR A 277 -14.01 4.03 -14.51
C TYR A 277 -13.63 4.60 -13.10
N GLY A 278 -12.38 5.11 -12.98
CA GLY A 278 -11.91 5.73 -11.75
C GLY A 278 -11.89 4.72 -10.60
N PHE A 279 -12.71 4.88 -9.51
CA PHE A 279 -12.60 4.01 -8.32
C PHE A 279 -13.37 2.70 -8.55
N LEU A 280 -14.25 2.76 -9.58
CA LEU A 280 -15.23 1.68 -9.77
C LEU A 280 -14.80 0.93 -10.95
N LEU A 281 -13.51 0.58 -10.86
CA LEU A 281 -12.90 -0.29 -11.93
C LEU A 281 -13.57 -1.71 -11.95
N PRO A 282 -13.84 -2.14 -13.19
CA PRO A 282 -14.53 -3.39 -13.47
C PRO A 282 -13.79 -4.58 -13.01
N ALA A 283 -14.50 -5.61 -12.45
CA ALA A 283 -13.93 -6.82 -11.88
C ALA A 283 -13.05 -7.43 -12.88
N SER A 284 -13.30 -7.03 -14.14
CA SER A 284 -12.59 -7.68 -15.26
C SER A 284 -11.15 -7.23 -15.45
N GLN A 285 -10.90 -6.11 -14.85
CA GLN A 285 -9.56 -5.56 -14.91
C GLN A 285 -8.73 -5.72 -13.68
N ILE A 286 -9.22 -6.57 -12.73
CA ILE A 286 -8.48 -6.95 -11.51
C ILE A 286 -7.11 -7.59 -11.90
N ILE A 287 -7.26 -8.83 -12.55
CA ILE A 287 -6.10 -9.66 -12.75
C ILE A 287 -5.02 -8.95 -13.58
N PRO A 288 -5.44 -8.31 -14.73
CA PRO A 288 -4.50 -7.69 -15.60
C PRO A 288 -3.84 -6.44 -14.91
N THR A 289 -4.57 -5.71 -14.07
CA THR A 289 -3.95 -4.75 -13.10
C THR A 289 -2.92 -5.40 -12.15
N ALA A 290 -3.33 -6.52 -11.46
CA ALA A 290 -2.42 -7.15 -10.58
C ALA A 290 -1.14 -7.62 -11.26
N GLN A 291 -1.31 -8.28 -12.42
CA GLN A 291 -0.13 -8.78 -13.10
C GLN A 291 0.84 -7.77 -13.52
N GLU A 292 0.32 -6.73 -14.13
CA GLU A 292 1.24 -5.71 -14.57
C GLU A 292 1.96 -4.91 -13.38
N THR A 293 1.15 -4.49 -12.37
CA THR A 293 1.70 -3.80 -11.19
C THR A 293 2.84 -4.65 -10.54
N TRP A 294 2.64 -5.98 -10.57
CA TRP A 294 3.58 -6.94 -10.17
C TRP A 294 4.92 -6.73 -10.74
N LEU A 295 4.94 -6.54 -12.02
CA LEU A 295 6.25 -6.49 -12.60
C LEU A 295 6.98 -5.23 -12.12
N GLY A 296 6.07 -4.20 -11.89
CA GLY A 296 6.57 -2.92 -11.52
C GLY A 296 7.22 -3.08 -10.17
N VAL A 297 6.46 -3.65 -9.25
CA VAL A 297 6.95 -3.84 -7.89
C VAL A 297 8.20 -4.71 -7.81
N LEU A 298 8.22 -5.84 -8.61
CA LEU A 298 9.31 -6.81 -8.62
C LEU A 298 10.56 -6.06 -9.08
N THR A 299 10.38 -5.06 -9.96
CA THR A 299 11.60 -4.35 -10.46
C THR A 299 12.17 -3.53 -9.27
N ILE A 300 11.34 -2.76 -8.55
CA ILE A 300 11.79 -2.04 -7.31
C ILE A 300 12.50 -2.96 -6.29
N MET A 301 11.96 -4.10 -6.13
CA MET A 301 12.50 -5.05 -5.18
C MET A 301 13.78 -5.63 -5.68
N GLU A 302 13.94 -5.84 -7.00
CA GLU A 302 15.26 -6.34 -7.34
C GLU A 302 16.36 -5.27 -7.07
N HIS A 303 15.98 -3.98 -7.21
CA HIS A 303 16.91 -2.88 -7.12
C HIS A 303 17.30 -2.73 -5.72
N THR A 304 16.32 -2.96 -4.89
CA THR A 304 16.49 -3.00 -3.46
C THR A 304 17.49 -4.05 -2.99
N VAL A 305 17.43 -5.26 -3.54
CA VAL A 305 18.23 -6.37 -3.01
C VAL A 305 19.64 -6.15 -3.44
N ASN A 306 19.76 -5.40 -4.50
CA ASN A 306 21.05 -5.17 -5.18
C ASN A 306 21.85 -3.93 -4.70
N ASN A 307 21.17 -2.99 -4.01
CA ASN A 307 21.82 -1.75 -3.48
C ASN A 307 21.29 -1.43 -2.06
ZN ZN B . -5.60 7.21 -2.28
C1 BZS C . -4.50 9.06 -3.99
C2 BZS C . -3.60 10.22 -4.36
CA BZS C . -2.53 10.34 -3.22
C BZS C . -3.20 11.06 -1.95
CB BZS C . -1.41 11.30 -3.73
CG BZS C . -0.29 10.99 -2.68
CD1 BZS C . -0.19 11.75 -1.51
CD2 BZS C . 0.70 10.00 -2.92
CE1 BZS C . 0.90 11.49 -0.64
CE2 BZS C . 1.70 9.77 -2.07
CZ BZS C . 1.82 10.53 -0.95
O1 BZS C . -5.27 9.33 -3.13
O2 BZS C . -4.48 7.96 -4.52
O3 BZS C . -3.12 10.50 -0.76
O4 BZS C . -3.87 12.11 -2.18
#